data_2DFI
#
_entry.id   2DFI
#
_cell.length_a   69.650
_cell.length_b   81.071
_cell.length_c   51.350
_cell.angle_alpha   90.00
_cell.angle_beta   105.62
_cell.angle_gamma   90.00
#
_symmetry.space_group_name_H-M   'P 1 21 1'
#
loop_
_entity.id
_entity.type
_entity.pdbx_description
1 polymer 'Methionine aminopeptidase'
2 non-polymer 'COBALT (II) ION'
3 water water
#
_entity_poly.entity_id   1
_entity_poly.type   'polypeptide(L)'
_entity_poly.pdbx_seq_one_letter_code
;MDTEKLMKAGEIAKKVREKAIKLARPGMLLLELAESIEKMIMELGGKPAFPVNLSINEIAAHYTPYKGDTTVLKEGDYLK
IDVGVHIDGFIADTAVTVRVGMEEDELMEAAKEALNAAISVARAGVEIKELGKAIENEIRKRGFKPIVNLSGHKIERYKL
HAGISIPNIYRPHDNYVLKEGDVFAIEPFATIGAGQVIEVPPTLIYMYVRDVPVRVAQARFLLAKIKREYGTLPFAYRWL
QNDMPEGQLKLALKTLEKAGAIYGYPVLKEIRNGIVAQFEHTIIVEKDSVIVTQDMINKST
;
_entity_poly.pdbx_strand_id   A,B
#
loop_
_chem_comp.id
_chem_comp.type
_chem_comp.name
_chem_comp.formula
CO non-polymer 'COBALT (II) ION' 'Co 2'
#
# COMPACT_ATOMS: atom_id res chain seq x y z
N MET A 1 1.21 14.57 -28.25
CA MET A 1 0.72 13.16 -28.14
C MET A 1 0.66 12.69 -26.69
N ASP A 2 0.41 11.41 -26.50
CA ASP A 2 0.30 10.80 -25.17
C ASP A 2 1.53 11.14 -24.31
N THR A 3 2.67 10.52 -24.64
CA THR A 3 3.90 10.74 -23.90
C THR A 3 4.41 12.16 -24.08
N GLU A 4 4.03 12.79 -25.19
CA GLU A 4 4.45 14.15 -25.47
C GLU A 4 3.87 15.11 -24.43
N LYS A 5 2.57 15.00 -24.20
CA LYS A 5 1.91 15.87 -23.23
C LYS A 5 2.46 15.63 -21.82
N LEU A 6 2.70 14.37 -21.50
CA LEU A 6 3.22 14.03 -20.19
C LEU A 6 4.58 14.67 -19.97
N MET A 7 5.45 14.57 -20.97
CA MET A 7 6.79 15.14 -20.88
C MET A 7 6.71 16.65 -20.72
N LYS A 8 5.81 17.27 -21.47
CA LYS A 8 5.63 18.72 -21.40
C LYS A 8 5.21 19.12 -19.98
N ALA A 9 4.30 18.35 -19.39
CA ALA A 9 3.85 18.64 -18.02
C ALA A 9 5.03 18.61 -17.07
N GLY A 10 5.94 17.65 -17.30
CA GLY A 10 7.12 17.53 -16.45
C GLY A 10 8.08 18.68 -16.66
N GLU A 11 8.19 19.13 -17.91
CA GLU A 11 9.07 20.23 -18.24
C GLU A 11 8.66 21.47 -17.45
N ILE A 12 7.36 21.73 -17.41
CA ILE A 12 6.82 22.89 -16.71
C ILE A 12 7.00 22.73 -15.19
N ALA A 13 6.66 21.55 -14.68
CA ALA A 13 6.77 21.26 -13.25
C ALA A 13 8.21 21.45 -12.76
N LYS A 14 9.17 21.03 -13.58
CA LYS A 14 10.57 21.17 -13.27
C LYS A 14 10.97 22.65 -13.17
N LYS A 15 10.63 23.42 -14.19
CA LYS A 15 10.96 24.84 -14.21
C LYS A 15 10.34 25.58 -13.03
N VAL A 16 9.08 25.28 -12.76
CA VAL A 16 8.34 25.92 -11.68
C VAL A 16 8.91 25.50 -10.33
N ARG A 17 9.33 24.25 -10.24
CA ARG A 17 9.90 23.73 -9.01
C ARG A 17 11.21 24.45 -8.68
N GLU A 18 12.10 24.55 -9.67
CA GLU A 18 13.39 25.20 -9.48
C GLU A 18 13.23 26.68 -9.16
N LYS A 19 12.17 27.27 -9.68
CA LYS A 19 11.90 28.69 -9.45
C LYS A 19 11.38 28.87 -8.03
N ALA A 20 10.53 27.95 -7.58
CA ALA A 20 9.98 28.04 -6.22
C ALA A 20 11.10 27.98 -5.19
N ILE A 21 12.12 27.18 -5.48
CA ILE A 21 13.26 27.04 -4.57
C ILE A 21 13.96 28.38 -4.41
N LYS A 22 14.18 29.05 -5.54
CA LYS A 22 14.84 30.36 -5.52
C LYS A 22 14.03 31.37 -4.73
N LEU A 23 12.70 31.26 -4.77
CA LEU A 23 11.82 32.17 -4.07
C LEU A 23 11.59 31.82 -2.60
N ALA A 24 11.90 30.58 -2.23
CA ALA A 24 11.72 30.14 -0.85
C ALA A 24 12.75 30.75 0.09
N ARG A 25 12.70 32.06 0.27
CA ARG A 25 13.63 32.76 1.13
C ARG A 25 12.98 33.22 2.44
N PRO A 26 13.79 33.57 3.45
CA PRO A 26 13.25 34.03 4.73
C PRO A 26 12.35 35.24 4.54
N GLY A 27 11.18 35.21 5.14
CA GLY A 27 10.25 36.33 5.02
C GLY A 27 9.24 36.17 3.90
N MET A 28 9.42 35.19 3.04
CA MET A 28 8.48 34.97 1.93
C MET A 28 7.12 34.48 2.43
N LEU A 29 6.08 35.20 2.07
CA LEU A 29 4.73 34.83 2.45
C LEU A 29 4.33 33.56 1.70
N LEU A 30 3.82 32.56 2.39
CA LEU A 30 3.41 31.32 1.71
C LEU A 30 2.39 31.59 0.61
N LEU A 31 1.45 32.48 0.90
CA LEU A 31 0.41 32.83 -0.05
C LEU A 31 1.01 33.42 -1.33
N GLU A 32 2.06 34.23 -1.17
CA GLU A 32 2.70 34.85 -2.32
C GLU A 32 3.43 33.78 -3.16
N LEU A 33 4.17 32.91 -2.47
CA LEU A 33 4.91 31.85 -3.14
C LEU A 33 4.00 30.95 -3.97
N ALA A 34 2.88 30.53 -3.38
CA ALA A 34 1.92 29.66 -4.06
C ALA A 34 1.33 30.34 -5.29
N GLU A 35 0.92 31.59 -5.12
CA GLU A 35 0.36 32.37 -6.21
C GLU A 35 1.35 32.51 -7.38
N SER A 36 2.58 32.87 -7.06
CA SER A 36 3.61 33.05 -8.09
C SER A 36 3.84 31.77 -8.86
N ILE A 37 3.90 30.65 -8.13
CA ILE A 37 4.11 29.34 -8.73
C ILE A 37 2.96 28.95 -9.66
N GLU A 38 1.73 29.00 -9.15
CA GLU A 38 0.57 28.64 -9.94
C GLU A 38 0.38 29.55 -11.14
N LYS A 39 0.82 30.80 -11.02
CA LYS A 39 0.71 31.75 -12.11
C LYS A 39 1.74 31.38 -13.19
N MET A 40 2.93 31.00 -12.75
CA MET A 40 3.99 30.61 -13.67
C MET A 40 3.59 29.36 -14.47
N ILE A 41 2.90 28.43 -13.82
CA ILE A 41 2.46 27.21 -14.48
C ILE A 41 1.53 27.51 -15.66
N MET A 42 0.55 28.38 -15.42
CA MET A 42 -0.40 28.74 -16.47
C MET A 42 0.25 29.53 -17.59
N GLU A 43 1.04 30.54 -17.26
CA GLU A 43 1.67 31.32 -18.31
C GLU A 43 2.63 30.46 -19.14
N LEU A 44 3.02 29.32 -18.59
CA LEU A 44 3.91 28.41 -19.30
C LEU A 44 3.10 27.47 -20.18
N GLY A 45 1.77 27.57 -20.11
CA GLY A 45 0.91 26.74 -20.93
C GLY A 45 0.31 25.53 -20.25
N GLY A 46 0.61 25.37 -18.97
CA GLY A 46 0.07 24.23 -18.24
C GLY A 46 -0.98 24.66 -17.25
N LYS A 47 -1.47 23.67 -16.51
CA LYS A 47 -2.47 23.90 -15.49
C LYS A 47 -2.07 23.09 -14.26
N PRO A 48 -2.30 23.65 -13.07
CA PRO A 48 -1.96 22.97 -11.82
C PRO A 48 -2.70 21.64 -11.73
N ALA A 49 -1.95 20.57 -11.44
CA ALA A 49 -2.56 19.26 -11.29
C ALA A 49 -3.24 19.24 -9.93
N PHE A 50 -2.90 20.23 -9.11
CA PHE A 50 -3.45 20.38 -7.77
C PHE A 50 -2.85 21.65 -7.20
N PRO A 51 -3.41 22.15 -6.09
CA PRO A 51 -2.83 23.37 -5.52
C PRO A 51 -1.43 23.15 -4.95
N VAL A 52 -0.53 24.08 -5.24
CA VAL A 52 0.84 23.98 -4.75
C VAL A 52 0.85 23.86 -3.23
N ASN A 53 1.45 22.77 -2.75
CA ASN A 53 1.57 22.50 -1.32
C ASN A 53 2.87 23.08 -0.79
N LEU A 54 2.80 23.72 0.37
CA LEU A 54 3.95 24.32 1.02
C LEU A 54 3.83 23.90 2.48
N SER A 55 4.49 22.79 2.81
CA SER A 55 4.40 22.22 4.15
C SER A 55 5.71 22.34 4.94
N ILE A 56 5.62 23.06 6.05
CA ILE A 56 6.77 23.34 6.91
C ILE A 56 6.94 22.45 8.16
N ASN A 57 8.19 22.06 8.40
CA ASN A 57 8.58 21.24 9.54
C ASN A 57 7.74 19.98 9.81
N GLU A 58 7.11 19.90 10.97
CA GLU A 58 6.34 18.69 11.30
C GLU A 58 5.16 18.48 10.36
N ILE A 59 4.80 19.51 9.60
CA ILE A 59 3.70 19.40 8.64
C ILE A 59 4.26 18.68 7.41
N ALA A 60 3.80 17.46 7.20
CA ALA A 60 4.27 16.62 6.10
C ALA A 60 3.74 17.02 4.74
N ALA A 61 2.45 17.30 4.68
CA ALA A 61 1.84 17.64 3.40
C ALA A 61 0.42 18.11 3.55
N HIS A 62 -0.18 18.42 2.40
CA HIS A 62 -1.56 18.87 2.34
C HIS A 62 -1.83 20.23 2.93
N TYR A 63 -0.83 21.09 2.83
CA TYR A 63 -1.00 22.44 3.31
C TYR A 63 -0.78 23.38 2.14
N THR A 64 -1.79 24.19 1.84
CA THR A 64 -1.65 25.19 0.78
C THR A 64 -2.30 26.46 1.32
N PRO A 65 -1.64 27.61 1.09
CA PRO A 65 -2.10 28.92 1.52
C PRO A 65 -3.55 29.21 1.17
N TYR A 66 -4.11 30.25 1.80
CA TYR A 66 -5.48 30.64 1.55
C TYR A 66 -5.53 32.16 1.71
N LYS A 67 -6.56 32.79 1.13
CA LYS A 67 -6.71 34.23 1.23
C LYS A 67 -6.80 34.64 2.69
N GLY A 68 -5.83 35.44 3.13
CA GLY A 68 -5.82 35.89 4.51
C GLY A 68 -4.75 35.17 5.33
N ASP A 69 -4.03 34.25 4.70
CA ASP A 69 -2.99 33.49 5.38
C ASP A 69 -1.73 34.36 5.43
N THR A 70 -1.30 34.72 6.63
CA THR A 70 -0.13 35.57 6.84
C THR A 70 1.15 34.79 7.19
N THR A 71 1.11 33.46 7.04
CA THR A 71 2.29 32.65 7.36
C THR A 71 3.45 32.98 6.42
N VAL A 72 4.65 33.14 6.99
CA VAL A 72 5.83 33.44 6.19
C VAL A 72 6.96 32.47 6.52
N LEU A 73 7.88 32.30 5.58
CA LEU A 73 9.01 31.41 5.77
C LEU A 73 10.02 31.98 6.75
N LYS A 74 10.52 31.13 7.65
CA LYS A 74 11.52 31.54 8.61
C LYS A 74 12.80 30.77 8.31
N GLU A 75 13.94 31.44 8.46
CA GLU A 75 15.23 30.80 8.21
C GLU A 75 15.30 29.52 9.02
N GLY A 76 15.85 28.47 8.42
CA GLY A 76 15.97 27.21 9.13
C GLY A 76 14.74 26.33 9.01
N ASP A 77 13.72 26.82 8.29
CA ASP A 77 12.49 26.04 8.12
C ASP A 77 12.65 24.93 7.09
N TYR A 78 12.12 23.76 7.40
CA TYR A 78 12.19 22.64 6.48
C TYR A 78 10.92 22.71 5.64
N LEU A 79 11.00 23.44 4.52
CA LEU A 79 9.86 23.59 3.63
C LEU A 79 9.84 22.55 2.52
N LYS A 80 8.74 21.83 2.41
CA LYS A 80 8.62 20.85 1.33
C LYS A 80 7.72 21.48 0.28
N ILE A 81 8.26 21.63 -0.92
CA ILE A 81 7.52 22.22 -2.03
C ILE A 81 7.08 21.07 -2.93
N ASP A 82 5.77 20.87 -3.01
CA ASP A 82 5.22 19.81 -3.84
C ASP A 82 4.34 20.50 -4.89
N VAL A 83 4.77 20.40 -6.15
CA VAL A 83 4.07 21.02 -7.26
C VAL A 83 3.64 20.02 -8.31
N GLY A 84 2.44 20.25 -8.85
CA GLY A 84 1.90 19.37 -9.87
C GLY A 84 1.40 20.15 -11.07
N VAL A 85 1.59 19.59 -12.26
CA VAL A 85 1.18 20.21 -13.50
C VAL A 85 0.59 19.15 -14.43
N HIS A 86 -0.45 19.51 -15.17
CA HIS A 86 -1.01 18.57 -16.14
C HIS A 86 -1.28 19.28 -17.45
N ILE A 87 -1.18 18.51 -18.53
CA ILE A 87 -1.44 18.98 -19.89
C ILE A 87 -2.53 18.07 -20.41
N ASP A 88 -3.77 18.57 -20.39
CA ASP A 88 -4.93 17.82 -20.83
C ASP A 88 -5.13 16.53 -20.06
N GLY A 89 -4.85 16.57 -18.75
CA GLY A 89 -5.02 15.39 -17.94
C GLY A 89 -3.76 14.60 -17.62
N PHE A 90 -2.71 14.77 -18.42
CA PHE A 90 -1.46 14.08 -18.18
C PHE A 90 -0.70 14.84 -17.12
N ILE A 91 -0.56 14.20 -15.97
CA ILE A 91 0.03 14.79 -14.77
C ILE A 91 1.52 14.55 -14.47
N ALA A 92 2.19 15.62 -14.03
CA ALA A 92 3.59 15.56 -13.62
C ALA A 92 3.52 15.93 -12.15
N ASP A 93 4.15 15.15 -11.29
CA ASP A 93 4.11 15.42 -9.86
C ASP A 93 5.53 15.31 -9.28
N THR A 94 6.02 16.40 -8.70
CA THR A 94 7.37 16.42 -8.13
C THR A 94 7.43 17.24 -6.84
N ALA A 95 8.47 17.06 -6.05
CA ALA A 95 8.62 17.80 -4.80
C ALA A 95 10.07 17.81 -4.32
N VAL A 96 10.40 18.83 -3.54
CA VAL A 96 11.73 18.95 -2.99
C VAL A 96 11.60 19.61 -1.64
N THR A 97 12.60 19.42 -0.79
CA THR A 97 12.61 20.03 0.52
C THR A 97 13.77 21.00 0.49
N VAL A 98 13.57 22.15 1.12
CA VAL A 98 14.62 23.15 1.18
C VAL A 98 14.66 23.69 2.60
N ARG A 99 15.86 23.80 3.15
CA ARG A 99 15.99 24.35 4.48
C ARG A 99 16.23 25.84 4.25
N VAL A 100 15.15 26.61 4.38
CA VAL A 100 15.15 28.05 4.14
C VAL A 100 16.39 28.80 4.59
N GLY A 101 17.05 29.43 3.62
CA GLY A 101 18.26 30.19 3.88
C GLY A 101 19.44 29.35 4.34
N MET A 102 19.36 28.04 4.14
CA MET A 102 20.44 27.15 4.55
C MET A 102 20.66 26.04 3.53
N GLU A 103 21.66 25.19 3.78
CA GLU A 103 21.95 24.09 2.86
C GLU A 103 21.42 22.76 3.36
N GLU A 104 21.36 21.80 2.44
CA GLU A 104 20.87 20.45 2.73
C GLU A 104 21.57 19.85 3.95
N ASP A 105 20.79 19.19 4.81
CA ASP A 105 21.36 18.56 6.01
C ASP A 105 21.18 17.04 5.93
N GLU A 106 21.44 16.37 7.04
CA GLU A 106 21.34 14.91 7.15
C GLU A 106 19.97 14.37 6.74
N LEU A 107 18.93 14.87 7.39
CA LEU A 107 17.57 14.44 7.11
C LEU A 107 17.21 14.57 5.63
N MET A 108 17.40 15.77 5.09
CA MET A 108 17.09 16.00 3.69
C MET A 108 17.87 15.09 2.76
N GLU A 109 19.14 14.87 3.07
CA GLU A 109 19.96 14.00 2.25
C GLU A 109 19.38 12.59 2.17
N ALA A 110 18.88 12.09 3.29
CA ALA A 110 18.30 10.76 3.36
C ALA A 110 17.10 10.60 2.43
N ALA A 111 16.20 11.58 2.46
CA ALA A 111 15.02 11.54 1.63
C ALA A 111 15.41 11.58 0.15
N LYS A 112 16.34 12.45 -0.20
CA LYS A 112 16.78 12.58 -1.59
C LYS A 112 17.46 11.31 -2.09
N GLU A 113 18.34 10.74 -1.28
CA GLU A 113 19.05 9.51 -1.67
C GLU A 113 18.08 8.34 -1.77
N ALA A 114 17.04 8.36 -0.96
CA ALA A 114 16.05 7.29 -0.99
C ALA A 114 15.34 7.30 -2.34
N LEU A 115 15.05 8.50 -2.83
CA LEU A 115 14.38 8.68 -4.12
C LEU A 115 15.27 8.20 -5.26
N ASN A 116 16.56 8.52 -5.19
CA ASN A 116 17.48 8.10 -6.23
C ASN A 116 17.62 6.58 -6.23
N ALA A 117 17.64 5.99 -5.04
CA ALA A 117 17.76 4.54 -4.90
C ALA A 117 16.55 3.83 -5.51
N ALA A 118 15.36 4.39 -5.31
CA ALA A 118 14.16 3.76 -5.87
C ALA A 118 14.17 3.85 -7.39
N ILE A 119 14.47 5.03 -7.91
CA ILE A 119 14.52 5.24 -9.35
C ILE A 119 15.52 4.30 -9.97
N SER A 120 16.65 4.09 -9.28
CA SER A 120 17.69 3.21 -9.79
C SER A 120 17.19 1.78 -10.03
N VAL A 121 16.40 1.26 -9.11
CA VAL A 121 15.90 -0.10 -9.26
C VAL A 121 14.57 -0.17 -10.02
N ALA A 122 13.97 0.99 -10.29
CA ALA A 122 12.69 1.03 -10.99
C ALA A 122 12.79 0.77 -12.49
N ARG A 123 12.26 -0.36 -12.93
CA ARG A 123 12.25 -0.71 -14.34
C ARG A 123 11.16 -1.72 -14.58
N ALA A 124 10.75 -1.85 -15.84
CA ALA A 124 9.70 -2.79 -16.20
C ALA A 124 10.08 -4.17 -15.70
N GLY A 125 9.11 -4.87 -15.11
CA GLY A 125 9.37 -6.21 -14.61
C GLY A 125 9.67 -6.29 -13.13
N VAL A 126 10.01 -5.17 -12.51
CA VAL A 126 10.34 -5.14 -11.09
C VAL A 126 9.09 -4.99 -10.20
N GLU A 127 9.09 -5.66 -9.05
CA GLU A 127 7.96 -5.57 -8.13
C GLU A 127 8.15 -4.34 -7.28
N ILE A 128 7.04 -3.65 -6.99
CA ILE A 128 7.08 -2.44 -6.19
C ILE A 128 7.80 -2.59 -4.85
N LYS A 129 7.69 -3.78 -4.24
CA LYS A 129 8.33 -4.05 -2.97
C LYS A 129 9.82 -3.71 -3.02
N GLU A 130 10.42 -3.86 -4.18
CA GLU A 130 11.84 -3.56 -4.33
C GLU A 130 12.11 -2.06 -4.19
N LEU A 131 11.14 -1.23 -4.57
CA LEU A 131 11.32 0.22 -4.43
C LEU A 131 11.20 0.57 -2.95
N GLY A 132 10.20 0.01 -2.29
CA GLY A 132 10.02 0.26 -0.86
C GLY A 132 11.25 -0.15 -0.09
N LYS A 133 11.82 -1.30 -0.46
CA LYS A 133 13.03 -1.84 0.18
C LYS A 133 14.18 -0.83 0.11
N ALA A 134 14.49 -0.39 -1.11
CA ALA A 134 15.57 0.56 -1.33
C ALA A 134 15.34 1.87 -0.60
N ILE A 135 14.09 2.32 -0.58
CA ILE A 135 13.74 3.57 0.09
C ILE A 135 13.97 3.45 1.59
N GLU A 136 13.41 2.41 2.20
CA GLU A 136 13.55 2.21 3.65
C GLU A 136 15.01 2.09 4.08
N ASN A 137 15.77 1.27 3.36
CA ASN A 137 17.17 1.07 3.71
C ASN A 137 18.00 2.36 3.66
N GLU A 138 17.68 3.26 2.72
CA GLU A 138 18.42 4.51 2.63
C GLU A 138 18.09 5.44 3.79
N ILE A 139 16.83 5.42 4.21
CA ILE A 139 16.38 6.25 5.30
C ILE A 139 16.82 5.68 6.64
N ARG A 140 16.65 4.38 6.84
CA ARG A 140 17.05 3.72 8.09
C ARG A 140 18.56 3.79 8.30
N LYS A 141 19.32 3.54 7.24
CA LYS A 141 20.78 3.56 7.30
C LYS A 141 21.35 4.86 7.83
N ARG A 142 20.65 5.96 7.59
CA ARG A 142 21.11 7.27 8.04
C ARG A 142 20.52 7.62 9.40
N GLY A 143 19.85 6.65 10.02
CA GLY A 143 19.28 6.88 11.33
C GLY A 143 17.93 7.56 11.41
N PHE A 144 17.23 7.67 10.29
CA PHE A 144 15.92 8.31 10.29
C PHE A 144 14.79 7.30 10.07
N LYS A 145 13.55 7.78 10.19
CA LYS A 145 12.40 6.91 10.01
C LYS A 145 11.54 7.32 8.83
N PRO A 146 11.15 6.35 7.99
CA PRO A 146 10.31 6.64 6.84
C PRO A 146 8.85 6.68 7.31
N ILE A 147 8.05 7.57 6.73
CA ILE A 147 6.63 7.71 7.09
C ILE A 147 5.92 6.51 6.47
N VAL A 148 5.26 5.72 7.32
CA VAL A 148 4.59 4.51 6.88
C VAL A 148 3.23 4.65 6.23
N ASN A 149 2.59 5.80 6.36
CA ASN A 149 1.26 5.98 5.78
C ASN A 149 1.15 7.11 4.75
N LEU A 150 2.29 7.46 4.15
CA LEU A 150 2.39 8.49 3.10
C LEU A 150 3.50 8.09 2.14
N SER A 151 3.17 7.93 0.87
CA SER A 151 4.18 7.52 -0.10
C SER A 151 3.79 7.80 -1.54
N GLY A 152 4.50 7.12 -2.43
CA GLY A 152 4.29 7.26 -3.86
C GLY A 152 2.96 6.72 -4.33
N HIS A 153 2.67 6.91 -5.61
CA HIS A 153 1.39 6.47 -6.15
C HIS A 153 1.37 6.45 -7.66
N LYS A 154 0.57 5.55 -8.21
CA LYS A 154 0.41 5.43 -9.65
C LYS A 154 -0.42 6.63 -10.11
N ILE A 155 -0.09 7.13 -11.30
CA ILE A 155 -0.79 8.28 -11.87
C ILE A 155 -1.42 7.95 -13.23
N GLU A 156 -2.65 8.39 -13.42
CA GLU A 156 -3.35 8.18 -14.69
C GLU A 156 -3.97 9.49 -15.14
N ARG A 157 -4.45 9.51 -16.38
CA ARG A 157 -5.05 10.70 -16.95
C ARG A 157 -6.17 11.24 -16.07
N TYR A 158 -6.01 12.47 -15.59
CA TYR A 158 -7.00 13.11 -14.73
C TYR A 158 -7.21 12.30 -13.45
N LYS A 159 -6.17 11.58 -13.03
CA LYS A 159 -6.23 10.76 -11.82
C LYS A 159 -4.89 10.78 -11.09
N LEU A 160 -4.77 11.69 -10.12
CA LEU A 160 -3.54 11.83 -9.35
C LEU A 160 -3.15 10.54 -8.62
N HIS A 161 -4.13 9.90 -7.98
CA HIS A 161 -3.90 8.65 -7.25
C HIS A 161 -4.69 7.50 -7.87
N ALA A 162 -4.08 6.81 -8.83
CA ALA A 162 -4.72 5.71 -9.55
C ALA A 162 -5.15 4.54 -8.68
N GLY A 163 -4.49 4.35 -7.55
CA GLY A 163 -4.83 3.26 -6.66
C GLY A 163 -3.60 2.58 -6.06
N ILE A 164 -2.72 2.10 -6.93
CA ILE A 164 -1.51 1.43 -6.50
C ILE A 164 -0.50 2.42 -5.91
N SER A 165 0.09 2.06 -4.78
CA SER A 165 1.05 2.95 -4.15
C SER A 165 2.46 2.35 -4.14
N ILE A 166 3.42 3.17 -3.75
CA ILE A 166 4.80 2.77 -3.65
C ILE A 166 5.20 3.19 -2.23
N PRO A 167 5.04 2.28 -1.26
CA PRO A 167 5.38 2.57 0.14
C PRO A 167 6.84 2.95 0.30
N ASN A 168 7.14 3.56 1.45
CA ASN A 168 8.49 3.96 1.78
C ASN A 168 9.10 2.94 2.74
N ILE A 169 8.45 1.79 2.84
CA ILE A 169 8.94 0.70 3.68
C ILE A 169 8.75 -0.59 2.89
N TYR A 170 9.49 -1.62 3.26
CA TYR A 170 9.39 -2.90 2.57
C TYR A 170 8.16 -3.69 3.03
N ARG A 171 7.30 -4.04 2.08
CA ARG A 171 6.12 -4.83 2.35
C ARG A 171 6.24 -6.06 1.46
N PRO A 172 6.42 -7.25 2.06
CA PRO A 172 6.57 -8.50 1.30
C PRO A 172 5.54 -8.78 0.21
N HIS A 173 4.32 -8.28 0.36
CA HIS A 173 3.29 -8.55 -0.64
C HIS A 173 3.00 -7.50 -1.69
N ASP A 174 3.79 -6.43 -1.75
CA ASP A 174 3.54 -5.44 -2.79
C ASP A 174 4.15 -6.09 -4.04
N ASN A 175 3.41 -7.03 -4.60
CA ASN A 175 3.85 -7.77 -5.78
C ASN A 175 3.48 -7.15 -7.12
N TYR A 176 2.91 -5.94 -7.09
CA TYR A 176 2.54 -5.31 -8.35
C TYR A 176 3.79 -5.13 -9.22
N VAL A 177 3.71 -5.58 -10.46
CA VAL A 177 4.84 -5.49 -11.39
C VAL A 177 4.78 -4.27 -12.29
N LEU A 178 5.81 -3.43 -12.24
CA LEU A 178 5.84 -2.24 -13.07
C LEU A 178 5.85 -2.67 -14.53
N LYS A 179 5.04 -2.01 -15.35
CA LYS A 179 4.96 -2.33 -16.78
C LYS A 179 5.06 -1.09 -17.63
N GLU A 180 5.67 -1.26 -18.80
CA GLU A 180 5.86 -0.16 -19.76
C GLU A 180 4.58 0.67 -19.88
N GLY A 181 4.73 1.99 -19.93
CA GLY A 181 3.57 2.85 -20.05
C GLY A 181 3.06 3.33 -18.71
N ASP A 182 3.40 2.59 -17.65
CA ASP A 182 2.98 2.95 -16.31
C ASP A 182 3.60 4.28 -15.89
N VAL A 183 2.82 5.13 -15.25
CA VAL A 183 3.31 6.42 -14.76
C VAL A 183 3.25 6.41 -13.23
N PHE A 184 4.39 6.58 -12.59
CA PHE A 184 4.47 6.57 -11.12
C PHE A 184 5.21 7.75 -10.52
N ALA A 185 4.76 8.15 -9.33
CA ALA A 185 5.41 9.21 -8.59
C ALA A 185 6.05 8.48 -7.40
N ILE A 186 7.35 8.70 -7.19
CA ILE A 186 8.09 8.08 -6.09
C ILE A 186 8.19 9.23 -5.08
N GLU A 187 7.64 9.02 -3.90
CA GLU A 187 7.54 10.07 -2.91
C GLU A 187 8.04 9.72 -1.49
N PRO A 188 9.36 9.61 -1.31
CA PRO A 188 9.96 9.28 -0.01
C PRO A 188 9.79 10.41 1.01
N PHE A 189 9.33 10.03 2.20
CA PHE A 189 9.12 10.96 3.30
C PHE A 189 9.96 10.46 4.48
N ALA A 190 10.87 11.29 4.98
CA ALA A 190 11.70 10.90 6.10
C ALA A 190 11.46 11.82 7.30
N THR A 191 11.59 11.29 8.51
CA THR A 191 11.38 12.08 9.70
C THR A 191 12.24 11.64 10.86
N ILE A 192 12.40 12.52 11.84
CA ILE A 192 13.17 12.21 13.04
C ILE A 192 12.16 11.89 14.14
N GLY A 193 10.88 11.86 13.77
CA GLY A 193 9.84 11.55 14.72
C GLY A 193 9.49 10.07 14.72
N ALA A 194 8.26 9.74 15.07
CA ALA A 194 7.83 8.35 15.12
C ALA A 194 7.81 7.68 13.75
N GLY A 195 7.33 8.40 12.74
CA GLY A 195 7.28 7.83 11.40
C GLY A 195 5.86 7.63 10.88
N GLN A 196 4.95 8.48 11.32
CA GLN A 196 3.57 8.39 10.87
C GLN A 196 2.89 9.76 10.94
N VAL A 197 1.96 10.00 10.02
CA VAL A 197 1.26 11.28 10.00
C VAL A 197 -0.20 11.12 10.38
N ILE A 198 -0.77 12.21 10.84
CA ILE A 198 -2.17 12.25 11.26
C ILE A 198 -2.83 13.49 10.68
N GLU A 199 -4.13 13.39 10.42
CA GLU A 199 -4.90 14.49 9.88
C GLU A 199 -5.27 15.47 10.99
N VAL A 200 -5.08 16.75 10.72
CA VAL A 200 -5.42 17.78 11.68
C VAL A 200 -5.97 19.00 10.93
N PRO A 201 -6.86 19.77 11.57
CA PRO A 201 -7.41 20.94 10.90
C PRO A 201 -6.27 21.91 10.56
N PRO A 202 -6.50 22.82 9.60
CA PRO A 202 -7.74 22.96 8.84
C PRO A 202 -7.75 22.07 7.60
N THR A 203 -8.82 22.20 6.82
CA THR A 203 -8.97 21.46 5.57
C THR A 203 -8.82 22.53 4.50
N LEU A 204 -7.73 22.49 3.74
CA LEU A 204 -7.45 23.49 2.73
C LEU A 204 -7.51 22.96 1.29
N ILE A 205 -7.70 21.66 1.17
CA ILE A 205 -7.74 20.97 -0.12
C ILE A 205 -8.94 20.04 -0.20
N TYR A 206 -9.60 20.01 -1.35
CA TYR A 206 -10.77 19.16 -1.57
C TYR A 206 -10.62 18.52 -2.93
N MET A 207 -11.54 17.64 -3.29
CA MET A 207 -11.49 16.99 -4.59
C MET A 207 -12.81 16.32 -4.94
N TYR A 208 -13.28 16.61 -6.14
CA TYR A 208 -14.52 16.03 -6.65
C TYR A 208 -14.32 14.52 -6.71
N VAL A 209 -15.24 13.77 -6.10
CA VAL A 209 -15.14 12.32 -6.07
C VAL A 209 -16.32 11.56 -6.70
N ARG A 210 -17.53 12.11 -6.59
CA ARG A 210 -18.69 11.43 -7.16
C ARG A 210 -19.76 12.39 -7.67
N ASP A 211 -20.46 11.98 -8.73
CA ASP A 211 -21.52 12.79 -9.32
C ASP A 211 -22.84 12.51 -8.62
N VAL A 212 -23.01 13.08 -7.43
CA VAL A 212 -24.24 12.89 -6.67
C VAL A 212 -25.13 14.12 -6.76
N PRO A 213 -26.46 13.91 -6.75
CA PRO A 213 -27.44 15.01 -6.84
C PRO A 213 -27.26 15.98 -5.67
N VAL A 214 -27.28 17.27 -5.98
CA VAL A 214 -27.16 18.30 -4.95
C VAL A 214 -28.32 19.26 -5.15
N ARG A 215 -29.26 19.27 -4.22
CA ARG A 215 -30.44 20.13 -4.33
C ARG A 215 -30.16 21.60 -4.05
N VAL A 216 -29.50 21.89 -2.93
CA VAL A 216 -29.17 23.26 -2.53
C VAL A 216 -28.56 24.03 -3.70
N ALA A 217 -29.26 25.08 -4.15
CA ALA A 217 -28.82 25.90 -5.28
C ALA A 217 -27.38 26.42 -5.22
N GLN A 218 -27.02 27.06 -4.12
CA GLN A 218 -25.68 27.62 -3.98
C GLN A 218 -24.58 26.56 -4.00
N ALA A 219 -24.79 25.47 -3.27
CA ALA A 219 -23.80 24.40 -3.25
C ALA A 219 -23.77 23.70 -4.61
N ARG A 220 -24.93 23.58 -5.25
CA ARG A 220 -25.04 22.93 -6.55
C ARG A 220 -24.26 23.68 -7.63
N PHE A 221 -24.34 25.00 -7.60
CA PHE A 221 -23.63 25.82 -8.58
C PHE A 221 -22.13 25.72 -8.38
N LEU A 222 -21.71 25.68 -7.12
CA LEU A 222 -20.29 25.56 -6.79
C LEU A 222 -19.74 24.24 -7.33
N LEU A 223 -20.54 23.18 -7.25
CA LEU A 223 -20.14 21.86 -7.74
C LEU A 223 -19.97 21.90 -9.25
N ALA A 224 -20.88 22.58 -9.93
CA ALA A 224 -20.81 22.69 -11.38
C ALA A 224 -19.49 23.36 -11.75
N LYS A 225 -19.12 24.39 -11.00
CA LYS A 225 -17.89 25.13 -11.23
C LYS A 225 -16.67 24.22 -11.01
N ILE A 226 -16.70 23.47 -9.91
CA ILE A 226 -15.62 22.55 -9.58
C ILE A 226 -15.38 21.57 -10.72
N LYS A 227 -16.42 20.84 -11.08
CA LYS A 227 -16.36 19.85 -12.15
C LYS A 227 -15.94 20.47 -13.49
N ARG A 228 -16.33 21.72 -13.71
CA ARG A 228 -16.01 22.42 -14.93
C ARG A 228 -14.54 22.87 -15.02
N GLU A 229 -14.01 23.39 -13.91
CA GLU A 229 -12.65 23.91 -13.87
C GLU A 229 -11.58 23.00 -13.24
N TYR A 230 -11.97 22.14 -12.32
CA TYR A 230 -11.00 21.27 -11.66
C TYR A 230 -11.18 19.81 -12.02
N GLY A 231 -12.39 19.45 -12.45
CA GLY A 231 -12.67 18.08 -12.80
C GLY A 231 -12.44 17.17 -11.63
N THR A 232 -11.69 16.10 -11.86
CA THR A 232 -11.41 15.12 -10.81
C THR A 232 -10.06 15.35 -10.11
N LEU A 233 -9.45 16.51 -10.35
CA LEU A 233 -8.16 16.82 -9.71
C LEU A 233 -8.35 17.71 -8.49
N PRO A 234 -7.50 17.56 -7.46
CA PRO A 234 -7.56 18.34 -6.22
C PRO A 234 -7.59 19.84 -6.46
N PHE A 235 -8.29 20.56 -5.60
CA PHE A 235 -8.36 22.01 -5.72
C PHE A 235 -8.25 22.62 -4.33
N ALA A 236 -7.88 23.90 -4.28
CA ALA A 236 -7.71 24.57 -3.01
C ALA A 236 -8.92 25.40 -2.58
N TYR A 237 -9.11 25.50 -1.27
CA TYR A 237 -10.19 26.30 -0.70
C TYR A 237 -9.90 27.71 -1.21
N ARG A 238 -8.61 28.00 -1.37
CA ARG A 238 -8.13 29.31 -1.84
C ARG A 238 -8.67 29.68 -3.22
N TRP A 239 -8.75 28.69 -4.12
CA TRP A 239 -9.22 28.92 -5.48
C TRP A 239 -10.70 29.31 -5.54
N LEU A 240 -11.37 29.29 -4.39
CA LEU A 240 -12.79 29.62 -4.37
C LEU A 240 -13.16 30.72 -3.39
N GLN A 241 -12.17 31.44 -2.86
CA GLN A 241 -12.45 32.49 -1.89
C GLN A 241 -12.96 33.81 -2.45
N ASN A 242 -13.09 33.90 -3.76
CA ASN A 242 -13.57 35.15 -4.35
C ASN A 242 -14.97 35.02 -4.94
N ASP A 243 -15.48 33.80 -4.97
CA ASP A 243 -16.81 33.57 -5.55
C ASP A 243 -17.96 33.87 -4.60
N MET A 244 -17.73 33.74 -3.30
CA MET A 244 -18.78 34.02 -2.32
C MET A 244 -18.20 34.25 -0.92
N PRO A 245 -18.96 34.91 -0.05
CA PRO A 245 -18.51 35.18 1.33
C PRO A 245 -18.05 33.90 2.02
N GLU A 246 -17.05 34.05 2.89
CA GLU A 246 -16.48 32.93 3.65
C GLU A 246 -17.54 32.03 4.25
N GLY A 247 -18.49 32.64 4.95
CA GLY A 247 -19.56 31.87 5.58
C GLY A 247 -20.31 30.98 4.60
N GLN A 248 -20.77 31.54 3.50
CA GLN A 248 -21.50 30.75 2.51
C GLN A 248 -20.61 29.68 1.88
N LEU A 249 -19.36 30.03 1.63
CA LEU A 249 -18.42 29.09 1.03
C LEU A 249 -18.19 27.89 1.95
N LYS A 250 -17.98 28.16 3.23
CA LYS A 250 -17.75 27.08 4.19
C LYS A 250 -18.95 26.14 4.23
N LEU A 251 -20.15 26.71 4.35
CA LEU A 251 -21.37 25.90 4.40
C LEU A 251 -21.56 25.16 3.09
N ALA A 252 -21.24 25.83 1.99
CA ALA A 252 -21.37 25.20 0.68
C ALA A 252 -20.46 23.98 0.59
N LEU A 253 -19.22 24.13 1.04
CA LEU A 253 -18.26 23.04 1.00
C LEU A 253 -18.70 21.90 1.92
N LYS A 254 -19.20 22.23 3.10
CA LYS A 254 -19.67 21.20 4.03
C LYS A 254 -20.82 20.43 3.41
N THR A 255 -21.72 21.14 2.72
CA THR A 255 -22.87 20.52 2.07
C THR A 255 -22.43 19.54 0.99
N LEU A 256 -21.43 19.94 0.20
CA LEU A 256 -20.93 19.06 -0.85
C LEU A 256 -20.30 17.80 -0.24
N GLU A 257 -19.63 17.97 0.90
CA GLU A 257 -18.99 16.83 1.57
C GLU A 257 -20.04 15.87 2.15
N LYS A 258 -21.09 16.44 2.73
CA LYS A 258 -22.17 15.64 3.33
C LYS A 258 -22.89 14.83 2.26
N ALA A 259 -22.96 15.38 1.06
CA ALA A 259 -23.61 14.68 -0.03
C ALA A 259 -22.67 13.63 -0.60
N GLY A 260 -21.38 13.78 -0.31
CA GLY A 260 -20.40 12.84 -0.81
C GLY A 260 -19.95 13.18 -2.22
N ALA A 261 -20.16 14.43 -2.61
CA ALA A 261 -19.76 14.89 -3.93
C ALA A 261 -18.26 15.19 -3.93
N ILE A 262 -17.78 15.82 -2.86
CA ILE A 262 -16.36 16.12 -2.74
C ILE A 262 -15.80 15.53 -1.45
N TYR A 263 -14.48 15.45 -1.37
CA TYR A 263 -13.83 14.90 -0.18
C TYR A 263 -12.79 15.91 0.31
N GLY A 264 -12.75 16.13 1.61
CA GLY A 264 -11.78 17.07 2.14
C GLY A 264 -10.47 16.39 2.52
N TYR A 265 -9.36 17.08 2.28
CA TYR A 265 -8.02 16.57 2.61
C TYR A 265 -7.35 17.50 3.61
N PRO A 266 -7.55 17.25 4.91
CA PRO A 266 -6.94 18.09 5.95
C PRO A 266 -5.41 18.01 6.02
N VAL A 267 -4.81 19.02 6.64
CA VAL A 267 -3.36 19.07 6.80
C VAL A 267 -2.86 17.78 7.43
N LEU A 268 -1.66 17.34 7.06
CA LEU A 268 -1.08 16.12 7.60
C LEU A 268 0.22 16.44 8.36
N LYS A 269 0.30 15.99 9.60
CA LYS A 269 1.51 16.25 10.39
C LYS A 269 2.09 15.01 11.07
N GLU A 270 3.38 15.05 11.36
CA GLU A 270 4.06 13.94 12.01
C GLU A 270 3.42 13.76 13.39
N ILE A 271 3.02 12.53 13.70
CA ILE A 271 2.36 12.22 14.95
C ILE A 271 3.13 12.63 16.20
N ARG A 272 4.46 12.70 16.12
CA ARG A 272 5.25 13.09 17.27
C ARG A 272 5.91 14.46 17.01
N ASN A 273 5.28 15.23 16.11
CA ASN A 273 5.77 16.55 15.73
C ASN A 273 7.24 16.52 15.31
N GLY A 274 7.63 15.46 14.61
CA GLY A 274 9.00 15.36 14.16
C GLY A 274 9.17 16.02 12.81
N ILE A 275 10.31 16.68 12.60
CA ILE A 275 10.57 17.32 11.31
C ILE A 275 10.45 16.30 10.19
N VAL A 276 9.89 16.72 9.06
CA VAL A 276 9.69 15.83 7.91
C VAL A 276 10.39 16.38 6.66
N ALA A 277 11.06 15.50 5.93
CA ALA A 277 11.75 15.88 4.71
C ALA A 277 11.12 15.07 3.58
N GLN A 278 10.96 15.68 2.41
CA GLN A 278 10.36 15.01 1.26
C GLN A 278 11.01 15.37 -0.07
N PHE A 279 11.11 14.39 -0.96
CA PHE A 279 11.66 14.60 -2.29
C PHE A 279 10.80 13.73 -3.21
N GLU A 280 10.52 14.21 -4.42
CA GLU A 280 9.67 13.42 -5.30
C GLU A 280 9.81 13.72 -6.79
N HIS A 281 9.70 12.65 -7.57
CA HIS A 281 9.78 12.70 -9.02
C HIS A 281 8.71 11.80 -9.61
N THR A 282 8.29 12.11 -10.84
CA THR A 282 7.33 11.28 -11.54
C THR A 282 8.11 10.58 -12.62
N ILE A 283 7.90 9.28 -12.77
CA ILE A 283 8.60 8.51 -13.79
C ILE A 283 7.63 7.79 -14.70
N ILE A 284 8.12 7.36 -15.85
CA ILE A 284 7.31 6.59 -16.79
C ILE A 284 8.11 5.32 -17.05
N VAL A 285 7.53 4.17 -16.73
CA VAL A 285 8.18 2.88 -16.88
C VAL A 285 8.45 2.48 -18.33
N GLU A 286 9.64 1.93 -18.55
CA GLU A 286 10.08 1.46 -19.86
C GLU A 286 11.06 0.32 -19.64
N LYS A 287 11.76 -0.07 -20.70
CA LYS A 287 12.76 -1.13 -20.58
C LYS A 287 13.68 -0.67 -19.45
N ASP A 288 13.75 0.65 -19.31
CA ASP A 288 14.53 1.30 -18.26
C ASP A 288 13.93 2.69 -18.04
N SER A 289 13.12 2.79 -16.99
CA SER A 289 12.42 4.03 -16.62
C SER A 289 13.09 5.37 -16.94
N VAL A 290 12.25 6.38 -17.13
CA VAL A 290 12.70 7.73 -17.44
C VAL A 290 11.99 8.73 -16.53
N ILE A 291 12.75 9.67 -15.98
CA ILE A 291 12.16 10.67 -15.09
C ILE A 291 11.50 11.79 -15.90
N VAL A 292 10.21 11.98 -15.69
CA VAL A 292 9.44 13.00 -16.38
C VAL A 292 9.80 14.41 -15.90
N THR A 293 9.97 14.56 -14.59
CA THR A 293 10.29 15.86 -13.99
C THR A 293 11.77 16.25 -13.96
N GLN A 294 12.38 16.26 -15.15
CA GLN A 294 13.79 16.64 -15.34
C GLN A 294 13.98 16.92 -16.82
N ASP A 295 15.12 17.50 -17.18
CA ASP A 295 15.42 17.80 -18.57
C ASP A 295 15.38 16.51 -19.37
N MET A 296 15.10 16.60 -20.67
CA MET A 296 15.04 15.40 -21.51
C MET A 296 16.38 14.70 -21.69
N ILE A 297 16.31 13.43 -22.06
CA ILE A 297 17.50 12.60 -22.25
C ILE A 297 17.59 11.94 -23.62
N ASN A 298 18.82 11.62 -24.03
CA ASN A 298 19.11 10.98 -25.32
C ASN A 298 18.51 9.58 -25.46
N LYS A 299 18.99 8.84 -26.45
CA LYS A 299 18.54 7.47 -26.71
C LYS A 299 19.42 6.55 -25.86
N SER A 300 20.66 6.37 -26.31
CA SER A 300 21.64 5.54 -25.63
C SER A 300 21.13 4.12 -25.38
N THR A 301 21.64 3.17 -26.16
CA THR A 301 21.24 1.77 -26.01
C THR A 301 19.73 1.59 -26.15
N MET B 1 -19.58 -21.46 -12.20
CA MET B 1 -19.11 -20.12 -12.66
C MET B 1 -18.17 -19.48 -11.63
N ASP B 2 -17.97 -18.18 -11.75
CA ASP B 2 -17.11 -17.42 -10.86
C ASP B 2 -17.56 -17.57 -9.41
N THR B 3 -18.64 -16.87 -9.05
CA THR B 3 -19.19 -16.90 -7.69
C THR B 3 -19.30 -18.31 -7.14
N GLU B 4 -19.90 -19.20 -7.91
CA GLU B 4 -20.08 -20.59 -7.47
C GLU B 4 -18.77 -21.26 -7.09
N LYS B 5 -17.78 -21.19 -7.97
CA LYS B 5 -16.49 -21.81 -7.68
C LYS B 5 -15.86 -21.18 -6.44
N LEU B 6 -15.96 -19.86 -6.34
CA LEU B 6 -15.40 -19.13 -5.21
C LEU B 6 -16.04 -19.55 -3.90
N MET B 7 -17.38 -19.59 -3.86
CA MET B 7 -18.09 -19.99 -2.65
C MET B 7 -17.72 -21.43 -2.29
N LYS B 8 -17.52 -22.26 -3.32
CA LYS B 8 -17.16 -23.64 -3.07
C LYS B 8 -15.78 -23.69 -2.41
N ALA B 9 -14.86 -22.85 -2.89
CA ALA B 9 -13.53 -22.81 -2.29
C ALA B 9 -13.68 -22.32 -0.85
N GLY B 10 -14.61 -21.39 -0.64
CA GLY B 10 -14.84 -20.86 0.69
C GLY B 10 -15.34 -21.94 1.64
N GLU B 11 -16.28 -22.75 1.17
CA GLU B 11 -16.85 -23.83 1.97
C GLU B 11 -15.77 -24.80 2.41
N ILE B 12 -14.90 -25.18 1.49
CA ILE B 12 -13.81 -26.12 1.80
C ILE B 12 -12.87 -25.45 2.81
N ALA B 13 -12.46 -24.21 2.53
CA ALA B 13 -11.57 -23.47 3.43
C ALA B 13 -12.12 -23.49 4.84
N LYS B 14 -13.44 -23.31 4.97
CA LYS B 14 -14.09 -23.29 6.28
C LYS B 14 -13.99 -24.63 7.00
N LYS B 15 -14.29 -25.72 6.31
CA LYS B 15 -14.22 -27.03 6.94
C LYS B 15 -12.79 -27.32 7.35
N VAL B 16 -11.87 -27.07 6.43
CA VAL B 16 -10.45 -27.30 6.66
C VAL B 16 -9.93 -26.48 7.85
N ARG B 17 -10.39 -25.23 7.95
CA ARG B 17 -9.97 -24.35 9.05
C ARG B 17 -10.44 -24.87 10.40
N GLU B 18 -11.68 -25.32 10.46
CA GLU B 18 -12.22 -25.83 11.71
C GLU B 18 -11.46 -27.07 12.19
N LYS B 19 -11.19 -27.99 11.25
CA LYS B 19 -10.46 -29.21 11.58
C LYS B 19 -9.08 -28.89 12.13
N ALA B 20 -8.39 -27.95 11.48
CA ALA B 20 -7.07 -27.54 11.90
C ALA B 20 -7.11 -27.04 13.35
N ILE B 21 -8.10 -26.22 13.65
CA ILE B 21 -8.25 -25.67 15.00
C ILE B 21 -8.38 -26.79 16.02
N LYS B 22 -9.12 -27.83 15.66
CA LYS B 22 -9.34 -28.97 16.54
C LYS B 22 -8.07 -29.80 16.70
N LEU B 23 -7.22 -29.81 15.67
CA LEU B 23 -5.97 -30.57 15.71
C LEU B 23 -4.84 -29.77 16.34
N ALA B 24 -5.02 -28.47 16.46
CA ALA B 24 -3.98 -27.60 17.02
C ALA B 24 -3.89 -27.65 18.54
N ARG B 25 -3.50 -28.80 19.08
CA ARG B 25 -3.38 -28.97 20.52
C ARG B 25 -1.93 -29.25 20.91
N PRO B 26 -1.59 -29.07 22.20
CA PRO B 26 -0.22 -29.30 22.68
C PRO B 26 0.33 -30.67 22.29
N GLY B 27 1.57 -30.68 21.81
CA GLY B 27 2.19 -31.92 21.41
C GLY B 27 2.04 -32.23 19.93
N MET B 28 1.12 -31.53 19.27
CA MET B 28 0.90 -31.76 17.84
C MET B 28 2.08 -31.32 16.98
N LEU B 29 2.60 -32.23 16.18
CA LEU B 29 3.72 -31.93 15.29
C LEU B 29 3.22 -31.03 14.14
N LEU B 30 3.90 -29.91 13.90
CA LEU B 30 3.47 -29.00 12.84
C LEU B 30 3.37 -29.65 11.46
N LEU B 31 4.37 -30.45 11.11
CA LEU B 31 4.40 -31.13 9.83
C LEU B 31 3.15 -31.97 9.61
N GLU B 32 2.74 -32.72 10.64
CA GLU B 32 1.56 -33.58 10.57
C GLU B 32 0.30 -32.73 10.37
N LEU B 33 0.23 -31.62 11.10
CA LEU B 33 -0.90 -30.71 11.00
C LEU B 33 -1.02 -30.21 9.56
N ALA B 34 0.05 -29.59 9.06
CA ALA B 34 0.07 -29.07 7.69
C ALA B 34 -0.30 -30.13 6.65
N GLU B 35 0.15 -31.35 6.86
CA GLU B 35 -0.15 -32.46 5.94
C GLU B 35 -1.63 -32.81 5.97
N SER B 36 -2.16 -32.99 7.17
CA SER B 36 -3.56 -33.34 7.35
C SER B 36 -4.47 -32.31 6.72
N ILE B 37 -4.12 -31.04 6.88
CA ILE B 37 -4.92 -29.94 6.33
C ILE B 37 -4.89 -29.96 4.81
N GLU B 38 -3.71 -29.98 4.22
CA GLU B 38 -3.60 -30.00 2.77
C GLU B 38 -4.23 -31.27 2.18
N LYS B 39 -4.21 -32.35 2.94
CA LYS B 39 -4.80 -33.61 2.47
C LYS B 39 -6.32 -33.45 2.44
N MET B 40 -6.86 -32.91 3.53
CA MET B 40 -8.30 -32.73 3.61
C MET B 40 -8.80 -31.85 2.48
N ILE B 41 -8.01 -30.85 2.12
CA ILE B 41 -8.38 -29.95 1.03
C ILE B 41 -8.58 -30.70 -0.28
N MET B 42 -7.63 -31.56 -0.63
CA MET B 42 -7.73 -32.32 -1.88
C MET B 42 -8.87 -33.35 -1.86
N GLU B 43 -9.04 -34.03 -0.73
CA GLU B 43 -10.10 -35.02 -0.66
C GLU B 43 -11.47 -34.38 -0.74
N LEU B 44 -11.54 -33.09 -0.45
CA LEU B 44 -12.80 -32.37 -0.50
C LEU B 44 -13.06 -31.79 -1.89
N GLY B 45 -12.16 -32.04 -2.83
CA GLY B 45 -12.34 -31.55 -4.18
C GLY B 45 -11.65 -30.24 -4.52
N GLY B 46 -10.84 -29.71 -3.61
CA GLY B 46 -10.15 -28.48 -3.91
C GLY B 46 -8.64 -28.68 -3.99
N LYS B 47 -7.93 -27.59 -4.24
CA LYS B 47 -6.47 -27.63 -4.31
C LYS B 47 -5.97 -26.47 -3.46
N PRO B 48 -4.83 -26.63 -2.78
CA PRO B 48 -4.29 -25.55 -1.95
C PRO B 48 -3.97 -24.30 -2.78
N ALA B 49 -4.35 -23.12 -2.29
CA ALA B 49 -4.05 -21.90 -3.02
C ALA B 49 -2.60 -21.53 -2.71
N PHE B 50 -2.11 -22.12 -1.64
CA PHE B 50 -0.74 -21.93 -1.15
C PHE B 50 -0.55 -22.91 0.00
N PRO B 51 0.71 -23.17 0.41
CA PRO B 51 0.93 -24.11 1.51
C PRO B 51 0.36 -23.57 2.81
N VAL B 52 -0.26 -24.45 3.60
CA VAL B 52 -0.85 -24.05 4.87
C VAL B 52 0.20 -23.39 5.76
N ASN B 53 -0.06 -22.16 6.19
CA ASN B 53 0.88 -21.46 7.06
C ASN B 53 0.53 -21.71 8.53
N LEU B 54 1.55 -21.94 9.33
CA LEU B 54 1.40 -22.20 10.76
C LEU B 54 2.50 -21.40 11.46
N SER B 55 2.16 -20.17 11.82
CA SER B 55 3.11 -19.26 12.45
C SER B 55 2.86 -19.11 13.96
N ILE B 56 3.92 -19.37 14.74
CA ILE B 56 3.86 -19.34 16.19
C ILE B 56 4.50 -18.12 16.86
N ASN B 57 3.77 -17.54 17.81
CA ASN B 57 4.23 -16.39 18.60
C ASN B 57 4.74 -15.18 17.82
N GLU B 58 6.03 -14.87 17.92
CA GLU B 58 6.57 -13.72 17.20
C GLU B 58 6.64 -13.92 15.70
N ILE B 59 6.47 -15.17 15.24
CA ILE B 59 6.49 -15.41 13.81
C ILE B 59 5.08 -15.03 13.37
N ALA B 60 4.98 -14.05 12.49
CA ALA B 60 3.69 -13.57 12.02
C ALA B 60 3.10 -14.35 10.85
N ALA B 61 3.95 -14.74 9.91
CA ALA B 61 3.47 -15.44 8.75
C ALA B 61 4.61 -16.07 7.96
N HIS B 62 4.23 -16.74 6.88
CA HIS B 62 5.15 -17.40 5.97
C HIS B 62 5.96 -18.52 6.57
N TYR B 63 5.32 -19.31 7.41
CA TYR B 63 6.00 -20.47 7.97
C TYR B 63 5.14 -21.66 7.65
N THR B 64 5.72 -22.62 6.94
CA THR B 64 5.02 -23.85 6.65
C THR B 64 6.07 -24.91 6.90
N PRO B 65 5.69 -26.01 7.57
CA PRO B 65 6.61 -27.10 7.89
C PRO B 65 7.32 -27.68 6.68
N TYR B 66 8.31 -28.52 6.95
CA TYR B 66 9.09 -29.19 5.91
C TYR B 66 9.42 -30.61 6.40
N LYS B 67 9.65 -31.54 5.47
CA LYS B 67 9.99 -32.91 5.85
C LYS B 67 11.17 -32.86 6.80
N GLY B 68 11.02 -33.48 7.96
CA GLY B 68 12.10 -33.47 8.93
C GLY B 68 11.91 -32.44 10.02
N ASP B 69 10.93 -31.55 9.87
CA ASP B 69 10.68 -30.51 10.88
C ASP B 69 10.13 -31.18 12.14
N THR B 70 10.84 -31.05 13.25
CA THR B 70 10.43 -31.67 14.51
C THR B 70 9.61 -30.74 15.39
N THR B 71 9.41 -29.50 14.95
CA THR B 71 8.66 -28.53 15.74
C THR B 71 7.26 -29.01 16.15
N VAL B 72 6.93 -28.80 17.42
CA VAL B 72 5.61 -29.19 17.94
C VAL B 72 4.94 -28.04 18.67
N LEU B 73 3.62 -28.09 18.71
CA LEU B 73 2.82 -27.08 19.38
C LEU B 73 2.99 -27.17 20.89
N LYS B 74 3.10 -26.01 21.54
CA LYS B 74 3.22 -25.97 22.98
C LYS B 74 2.10 -25.13 23.58
N GLU B 75 1.66 -25.49 24.76
CA GLU B 75 0.59 -24.76 25.44
C GLU B 75 0.97 -23.29 25.54
N GLY B 76 0.00 -22.40 25.33
CA GLY B 76 0.27 -20.98 25.41
C GLY B 76 0.78 -20.39 24.10
N ASP B 77 1.17 -21.26 23.17
CA ASP B 77 1.66 -20.79 21.87
C ASP B 77 0.56 -20.06 21.10
N TYR B 78 0.91 -18.96 20.47
CA TYR B 78 -0.04 -18.20 19.66
C TYR B 78 0.09 -18.67 18.21
N LEU B 79 -0.70 -19.68 17.85
CA LEU B 79 -0.67 -20.25 16.52
C LEU B 79 -1.58 -19.58 15.50
N LYS B 80 -0.98 -19.10 14.42
CA LYS B 80 -1.73 -18.49 13.34
C LYS B 80 -1.86 -19.52 12.23
N ILE B 81 -3.10 -19.97 12.00
CA ILE B 81 -3.41 -20.95 10.97
C ILE B 81 -3.99 -20.19 9.77
N ASP B 82 -3.19 -20.11 8.70
CA ASP B 82 -3.62 -19.41 7.50
C ASP B 82 -3.76 -20.43 6.38
N VAL B 83 -4.99 -20.68 5.96
CA VAL B 83 -5.27 -21.66 4.92
C VAL B 83 -5.93 -21.05 3.69
N GLY B 84 -5.56 -21.57 2.53
CA GLY B 84 -6.11 -21.07 1.29
C GLY B 84 -6.52 -22.20 0.37
N VAL B 85 -7.70 -22.08 -0.23
CA VAL B 85 -8.20 -23.09 -1.14
C VAL B 85 -8.68 -22.45 -2.43
N HIS B 86 -8.42 -23.08 -3.57
CA HIS B 86 -8.91 -22.55 -4.83
C HIS B 86 -9.54 -23.64 -5.68
N ILE B 87 -10.53 -23.26 -6.46
CA ILE B 87 -11.22 -24.16 -7.37
C ILE B 87 -11.16 -23.52 -8.74
N ASP B 88 -10.30 -24.10 -9.58
CA ASP B 88 -10.09 -23.60 -10.93
C ASP B 88 -9.59 -22.16 -10.90
N GLY B 89 -8.75 -21.83 -9.92
CA GLY B 89 -8.20 -20.50 -9.84
C GLY B 89 -8.89 -19.51 -8.90
N PHE B 90 -10.14 -19.79 -8.56
CA PHE B 90 -10.89 -18.94 -7.65
C PHE B 90 -10.49 -19.29 -6.22
N ILE B 91 -9.81 -18.33 -5.60
CA ILE B 91 -9.23 -18.45 -4.27
C ILE B 91 -10.02 -17.97 -3.05
N ALA B 92 -10.04 -18.81 -2.01
CA ALA B 92 -10.67 -18.46 -0.74
C ALA B 92 -9.46 -18.41 0.21
N ASP B 93 -9.30 -17.30 0.93
CA ASP B 93 -8.18 -17.11 1.84
C ASP B 93 -8.65 -16.73 3.25
N THR B 94 -8.40 -17.60 4.23
CA THR B 94 -8.84 -17.34 5.60
C THR B 94 -7.80 -17.67 6.67
N ALA B 95 -7.90 -17.04 7.84
CA ALA B 95 -6.94 -17.30 8.91
C ALA B 95 -7.48 -17.06 10.30
N VAL B 96 -6.91 -17.77 11.27
CA VAL B 96 -7.32 -17.58 12.65
C VAL B 96 -6.12 -17.74 13.55
N THR B 97 -6.23 -17.20 14.76
CA THR B 97 -5.19 -17.35 15.74
C THR B 97 -5.80 -18.17 16.86
N VAL B 98 -5.06 -19.16 17.31
CA VAL B 98 -5.50 -20.02 18.39
C VAL B 98 -4.37 -20.01 19.42
N ARG B 99 -4.72 -19.87 20.69
CA ARG B 99 -3.73 -19.90 21.74
C ARG B 99 -3.83 -21.35 22.23
N VAL B 100 -2.86 -22.15 21.81
CA VAL B 100 -2.82 -23.58 22.11
C VAL B 100 -3.17 -24.01 23.54
N GLY B 101 -4.26 -24.77 23.63
CA GLY B 101 -4.73 -25.29 24.89
C GLY B 101 -5.35 -24.24 25.80
N MET B 102 -5.62 -23.05 25.25
CA MET B 102 -6.17 -21.97 26.05
C MET B 102 -7.24 -21.17 25.32
N GLU B 103 -7.89 -20.26 26.02
CA GLU B 103 -8.92 -19.44 25.41
C GLU B 103 -8.31 -18.20 24.80
N GLU B 104 -9.08 -17.52 23.97
CA GLU B 104 -8.62 -16.31 23.31
C GLU B 104 -8.40 -15.21 24.35
N ASP B 105 -7.32 -14.45 24.18
CA ASP B 105 -7.05 -13.35 25.11
C ASP B 105 -7.28 -12.01 24.42
N GLU B 106 -6.98 -10.94 25.14
CA GLU B 106 -7.14 -9.57 24.65
C GLU B 106 -6.51 -9.26 23.31
N LEU B 107 -5.28 -9.73 23.11
CA LEU B 107 -4.55 -9.48 21.86
C LEU B 107 -5.24 -10.14 20.69
N MET B 108 -5.67 -11.39 20.88
CA MET B 108 -6.34 -12.13 19.84
C MET B 108 -7.70 -11.47 19.52
N GLU B 109 -8.41 -11.03 20.55
CA GLU B 109 -9.70 -10.36 20.36
C GLU B 109 -9.52 -9.06 19.56
N ALA B 110 -8.39 -8.38 19.77
CA ALA B 110 -8.14 -7.14 19.06
C ALA B 110 -8.13 -7.43 17.55
N ALA B 111 -7.38 -8.42 17.14
CA ALA B 111 -7.31 -8.75 15.71
C ALA B 111 -8.67 -9.19 15.17
N LYS B 112 -9.38 -10.06 15.91
CA LYS B 112 -10.69 -10.55 15.47
C LYS B 112 -11.74 -9.43 15.34
N GLU B 113 -11.75 -8.50 16.30
CA GLU B 113 -12.72 -7.41 16.28
C GLU B 113 -12.33 -6.39 15.21
N ALA B 114 -11.03 -6.27 14.94
CA ALA B 114 -10.57 -5.35 13.91
C ALA B 114 -11.14 -5.86 12.60
N LEU B 115 -11.10 -7.18 12.41
CA LEU B 115 -11.63 -7.79 11.19
C LEU B 115 -13.13 -7.57 11.07
N ASN B 116 -13.85 -7.70 12.19
CA ASN B 116 -15.29 -7.50 12.17
C ASN B 116 -15.66 -6.07 11.83
N ALA B 117 -14.91 -5.13 12.38
CA ALA B 117 -15.16 -3.72 12.13
C ALA B 117 -14.86 -3.38 10.67
N ALA B 118 -13.84 -4.02 10.09
CA ALA B 118 -13.48 -3.76 8.69
C ALA B 118 -14.55 -4.28 7.71
N ILE B 119 -15.15 -5.42 8.05
CA ILE B 119 -16.19 -6.01 7.22
C ILE B 119 -17.49 -5.23 7.37
N SER B 120 -17.68 -4.63 8.54
CA SER B 120 -18.87 -3.86 8.83
C SER B 120 -18.95 -2.61 7.95
N VAL B 121 -17.79 -2.04 7.59
CA VAL B 121 -17.79 -0.83 6.78
C VAL B 121 -17.42 -1.12 5.31
N ALA B 122 -16.94 -2.34 5.07
CA ALA B 122 -16.54 -2.75 3.72
C ALA B 122 -17.73 -3.06 2.82
N ARG B 123 -17.98 -2.17 1.86
CA ARG B 123 -19.08 -2.34 0.92
C ARG B 123 -18.83 -1.52 -0.33
N ALA B 124 -19.58 -1.81 -1.40
CA ALA B 124 -19.38 -1.08 -2.65
C ALA B 124 -19.53 0.42 -2.44
N GLY B 125 -18.57 1.19 -2.98
CA GLY B 125 -18.60 2.63 -2.86
C GLY B 125 -17.69 3.21 -1.78
N VAL B 126 -17.26 2.37 -0.85
CA VAL B 126 -16.40 2.83 0.24
C VAL B 126 -14.92 2.77 -0.14
N GLU B 127 -14.15 3.74 0.33
CA GLU B 127 -12.72 3.79 0.03
C GLU B 127 -11.95 2.91 1.01
N ILE B 128 -10.91 2.24 0.52
CA ILE B 128 -10.11 1.36 1.34
C ILE B 128 -9.62 2.01 2.65
N LYS B 129 -9.23 3.28 2.56
CA LYS B 129 -8.76 4.03 3.73
C LYS B 129 -9.73 3.91 4.90
N GLU B 130 -11.01 3.72 4.60
CA GLU B 130 -12.02 3.59 5.64
C GLU B 130 -11.86 2.29 6.42
N LEU B 131 -11.42 1.24 5.73
CA LEU B 131 -11.22 -0.05 6.39
C LEU B 131 -9.96 0.04 7.26
N GLY B 132 -8.93 0.67 6.73
CA GLY B 132 -7.70 0.81 7.47
C GLY B 132 -7.93 1.55 8.78
N LYS B 133 -8.73 2.61 8.70
CA LYS B 133 -9.06 3.44 9.86
C LYS B 133 -9.77 2.60 10.91
N ALA B 134 -10.76 1.83 10.47
CA ALA B 134 -11.52 0.98 11.38
C ALA B 134 -10.62 -0.07 12.02
N ILE B 135 -9.73 -0.64 11.22
CA ILE B 135 -8.79 -1.66 11.70
C ILE B 135 -7.80 -1.07 12.71
N GLU B 136 -7.16 0.03 12.34
CA GLU B 136 -6.20 0.68 13.22
C GLU B 136 -6.85 1.10 14.54
N ASN B 137 -8.07 1.62 14.45
CA ASN B 137 -8.77 2.06 15.65
C ASN B 137 -9.04 0.93 16.63
N GLU B 138 -9.50 -0.22 16.14
CA GLU B 138 -9.80 -1.35 17.03
C GLU B 138 -8.55 -1.89 17.72
N ILE B 139 -7.44 -1.96 16.98
CA ILE B 139 -6.19 -2.47 17.52
C ILE B 139 -5.57 -1.50 18.54
N ARG B 140 -5.38 -0.24 18.16
CA ARG B 140 -4.79 0.72 19.10
C ARG B 140 -5.70 1.06 20.29
N LYS B 141 -7.01 1.11 20.05
CA LYS B 141 -7.95 1.43 21.13
C LYS B 141 -7.86 0.37 22.22
N ARG B 142 -7.52 -0.86 21.83
CA ARG B 142 -7.39 -1.95 22.78
C ARG B 142 -6.01 -2.05 23.39
N GLY B 143 -5.11 -1.12 23.02
CA GLY B 143 -3.77 -1.11 23.56
C GLY B 143 -2.67 -1.84 22.81
N PHE B 144 -2.97 -2.28 21.59
CA PHE B 144 -1.98 -3.00 20.78
C PHE B 144 -1.58 -2.23 19.53
N LYS B 145 -0.63 -2.78 18.79
CA LYS B 145 -0.20 -2.11 17.57
C LYS B 145 -0.44 -2.95 16.32
N PRO B 146 -0.83 -2.29 15.24
CA PRO B 146 -1.08 -2.99 13.98
C PRO B 146 0.23 -3.16 13.23
N ILE B 147 0.34 -4.22 12.44
CA ILE B 147 1.55 -4.43 11.65
C ILE B 147 1.39 -3.61 10.37
N VAL B 148 2.32 -2.68 10.15
CA VAL B 148 2.28 -1.77 9.01
C VAL B 148 2.75 -2.32 7.67
N ASN B 149 3.45 -3.45 7.65
CA ASN B 149 3.91 -3.96 6.37
C ASN B 149 3.33 -5.32 5.97
N LEU B 150 2.22 -5.69 6.60
CA LEU B 150 1.49 -6.94 6.31
C LEU B 150 0.01 -6.65 6.41
N SER B 151 -0.76 -7.02 5.39
CA SER B 151 -2.19 -6.75 5.42
C SER B 151 -3.02 -7.48 4.38
N GLY B 152 -4.26 -7.02 4.24
CA GLY B 152 -5.20 -7.59 3.29
C GLY B 152 -4.79 -7.34 1.86
N HIS B 153 -5.50 -7.93 0.92
CA HIS B 153 -5.14 -7.80 -0.48
C HIS B 153 -6.24 -8.24 -1.41
N LYS B 154 -6.28 -7.65 -2.60
CA LYS B 154 -7.26 -7.98 -3.61
C LYS B 154 -6.89 -9.34 -4.16
N ILE B 155 -7.92 -10.12 -4.50
CA ILE B 155 -7.74 -11.47 -5.02
C ILE B 155 -8.42 -11.60 -6.38
N GLU B 156 -7.70 -12.19 -7.34
CA GLU B 156 -8.25 -12.41 -8.66
C GLU B 156 -7.93 -13.85 -9.05
N ARG B 157 -8.57 -14.32 -10.12
CA ARG B 157 -8.37 -15.68 -10.58
C ARG B 157 -6.88 -15.98 -10.70
N TYR B 158 -6.46 -17.08 -10.07
CA TYR B 158 -5.07 -17.50 -10.09
C TYR B 158 -4.10 -16.39 -9.70
N LYS B 159 -4.55 -15.46 -8.86
CA LYS B 159 -3.70 -14.37 -8.43
C LYS B 159 -4.01 -14.01 -6.98
N LEU B 160 -3.23 -14.56 -6.06
CA LEU B 160 -3.41 -14.33 -4.63
C LEU B 160 -3.36 -12.86 -4.24
N HIS B 161 -2.39 -12.13 -4.80
CA HIS B 161 -2.26 -10.70 -4.52
C HIS B 161 -2.41 -9.91 -5.82
N ALA B 162 -3.62 -9.43 -6.07
CA ALA B 162 -3.92 -8.69 -7.29
C ALA B 162 -3.28 -7.31 -7.39
N GLY B 163 -2.66 -6.84 -6.31
CA GLY B 163 -2.02 -5.54 -6.35
C GLY B 163 -2.52 -4.58 -5.28
N ILE B 164 -3.81 -4.29 -5.32
CA ILE B 164 -4.40 -3.39 -4.34
C ILE B 164 -4.45 -4.10 -2.99
N SER B 165 -4.04 -3.40 -1.94
CA SER B 165 -4.03 -3.99 -0.60
C SER B 165 -4.96 -3.27 0.37
N ILE B 166 -5.22 -3.90 1.51
CA ILE B 166 -6.06 -3.32 2.54
C ILE B 166 -5.22 -3.21 3.80
N PRO B 167 -4.58 -2.04 3.99
CA PRO B 167 -3.71 -1.76 5.14
C PRO B 167 -4.41 -1.89 6.48
N ASN B 168 -3.60 -2.05 7.53
CA ASN B 168 -4.10 -2.20 8.87
C ASN B 168 -3.92 -0.88 9.61
N ILE B 169 -3.57 0.14 8.84
CA ILE B 169 -3.39 1.49 9.35
C ILE B 169 -4.05 2.44 8.37
N TYR B 170 -4.45 3.60 8.84
CA TYR B 170 -5.08 4.57 7.98
C TYR B 170 -4.04 5.31 7.14
N ARG B 171 -4.25 5.32 5.83
CA ARG B 171 -3.36 6.01 4.90
C ARG B 171 -4.25 6.97 4.11
N PRO B 172 -4.03 8.28 4.27
CA PRO B 172 -4.84 9.31 3.58
C PRO B 172 -5.10 9.16 2.08
N HIS B 173 -4.18 8.52 1.35
CA HIS B 173 -4.36 8.36 -0.09
C HIS B 173 -4.85 7.00 -0.58
N ASP B 174 -5.41 6.20 0.33
CA ASP B 174 -5.97 4.91 -0.07
C ASP B 174 -7.40 5.21 -0.53
N ASN B 175 -7.48 6.01 -1.59
CA ASN B 175 -8.75 6.45 -2.17
C ASN B 175 -9.45 5.39 -3.02
N TYR B 176 -8.81 4.25 -3.22
CA TYR B 176 -9.43 3.18 -4.03
C TYR B 176 -10.79 2.80 -3.47
N VAL B 177 -11.80 2.84 -4.34
CA VAL B 177 -13.17 2.49 -3.94
C VAL B 177 -13.50 1.04 -4.27
N LEU B 178 -14.04 0.32 -3.29
CA LEU B 178 -14.42 -1.08 -3.48
C LEU B 178 -15.58 -1.17 -4.47
N LYS B 179 -15.45 -2.03 -5.47
CA LYS B 179 -16.50 -2.20 -6.46
C LYS B 179 -17.22 -3.53 -6.26
N GLU B 180 -18.52 -3.57 -6.57
CA GLU B 180 -19.22 -4.83 -6.39
C GLU B 180 -18.60 -5.89 -7.29
N GLY B 181 -18.43 -7.09 -6.75
CA GLY B 181 -17.81 -8.14 -7.52
C GLY B 181 -16.34 -8.25 -7.15
N ASP B 182 -15.81 -7.21 -6.51
CA ASP B 182 -14.40 -7.21 -6.09
C ASP B 182 -14.22 -8.28 -5.02
N VAL B 183 -13.11 -9.02 -5.08
CA VAL B 183 -12.81 -10.05 -4.09
C VAL B 183 -11.59 -9.59 -3.30
N PHE B 184 -11.76 -9.43 -1.99
CA PHE B 184 -10.68 -8.98 -1.14
C PHE B 184 -10.50 -9.87 0.09
N ALA B 185 -9.27 -9.92 0.59
CA ALA B 185 -8.99 -10.67 1.80
C ALA B 185 -8.64 -9.55 2.77
N ILE B 186 -9.26 -9.58 3.94
CA ILE B 186 -9.00 -8.58 4.97
C ILE B 186 -8.25 -9.34 6.05
N GLU B 187 -7.02 -8.90 6.33
CA GLU B 187 -6.14 -9.56 7.33
C GLU B 187 -5.58 -8.65 8.41
N PRO B 188 -6.35 -8.36 9.46
CA PRO B 188 -5.77 -7.51 10.49
C PRO B 188 -4.67 -8.27 11.24
N PHE B 189 -3.53 -7.61 11.46
CA PHE B 189 -2.41 -8.20 12.19
C PHE B 189 -2.15 -7.29 13.37
N ALA B 190 -2.24 -7.82 14.59
CA ALA B 190 -2.01 -7.03 15.80
C ALA B 190 -0.85 -7.64 16.58
N THR B 191 -0.05 -6.79 17.23
CA THR B 191 1.09 -7.28 18.01
C THR B 191 1.31 -6.45 19.27
N ILE B 192 2.23 -6.91 20.11
CA ILE B 192 2.58 -6.19 21.32
C ILE B 192 3.97 -5.63 21.12
N GLY B 193 4.54 -5.92 19.95
CA GLY B 193 5.86 -5.42 19.62
C GLY B 193 5.83 -4.03 19.03
N ALA B 194 6.61 -3.80 17.99
CA ALA B 194 6.69 -2.50 17.34
C ALA B 194 5.61 -2.28 16.30
N GLY B 195 5.24 -3.35 15.59
CA GLY B 195 4.21 -3.23 14.57
C GLY B 195 4.79 -3.32 13.17
N GLN B 196 5.83 -4.14 13.02
CA GLN B 196 6.47 -4.32 11.72
C GLN B 196 7.18 -5.66 11.69
N VAL B 197 7.12 -6.36 10.56
CA VAL B 197 7.79 -7.64 10.45
C VAL B 197 9.02 -7.56 9.56
N ILE B 198 9.96 -8.47 9.82
CA ILE B 198 11.20 -8.54 9.07
C ILE B 198 11.40 -9.98 8.59
N GLU B 199 12.10 -10.13 7.47
CA GLU B 199 12.39 -11.43 6.90
C GLU B 199 13.54 -12.08 7.68
N VAL B 200 13.41 -13.38 7.96
CA VAL B 200 14.47 -14.10 8.64
C VAL B 200 14.53 -15.52 8.09
N PRO B 201 15.67 -16.19 8.23
CA PRO B 201 15.82 -17.57 7.72
C PRO B 201 14.90 -18.49 8.53
N PRO B 202 14.46 -19.59 7.94
CA PRO B 202 14.74 -20.02 6.57
C PRO B 202 13.63 -19.64 5.59
N THR B 203 13.85 -19.94 4.31
CA THR B 203 12.87 -19.64 3.30
C THR B 203 12.13 -20.95 3.03
N LEU B 204 10.85 -20.98 3.41
CA LEU B 204 10.04 -22.19 3.26
C LEU B 204 8.95 -22.04 2.19
N ILE B 205 8.82 -20.85 1.63
CA ILE B 205 7.81 -20.59 0.63
C ILE B 205 8.44 -19.80 -0.52
N TYR B 206 8.02 -20.09 -1.75
CA TYR B 206 8.52 -19.41 -2.93
C TYR B 206 7.37 -19.20 -3.89
N MET B 207 7.58 -18.33 -4.87
CA MET B 207 6.56 -18.08 -5.88
C MET B 207 7.22 -17.77 -7.22
N TYR B 208 6.67 -18.35 -8.29
CA TYR B 208 7.17 -18.15 -9.66
C TYR B 208 6.93 -16.71 -10.08
N VAL B 209 7.92 -16.10 -10.70
CA VAL B 209 7.79 -14.72 -11.14
C VAL B 209 7.83 -14.60 -12.65
N ARG B 210 9.00 -14.81 -13.22
CA ARG B 210 9.19 -14.69 -14.67
C ARG B 210 10.00 -15.82 -15.28
N ASP B 211 9.83 -15.99 -16.59
CA ASP B 211 10.51 -17.05 -17.32
C ASP B 211 11.85 -16.57 -17.89
N VAL B 212 12.82 -16.33 -17.01
CA VAL B 212 14.14 -15.86 -17.41
C VAL B 212 15.06 -17.04 -17.74
N PRO B 213 16.05 -16.81 -18.62
CA PRO B 213 17.02 -17.82 -19.03
C PRO B 213 17.85 -18.30 -17.84
N VAL B 214 18.01 -19.62 -17.71
CA VAL B 214 18.79 -20.18 -16.63
C VAL B 214 19.79 -21.19 -17.21
N ARG B 215 21.08 -20.87 -17.07
CA ARG B 215 22.13 -21.74 -17.60
C ARG B 215 22.27 -23.06 -16.86
N VAL B 216 22.09 -23.04 -15.54
CA VAL B 216 22.20 -24.25 -14.73
C VAL B 216 21.04 -25.19 -15.03
N ALA B 217 21.35 -26.36 -15.59
CA ALA B 217 20.33 -27.35 -15.94
C ALA B 217 19.36 -27.70 -14.82
N GLN B 218 19.89 -28.16 -13.69
CA GLN B 218 19.04 -28.54 -12.58
C GLN B 218 18.08 -27.42 -12.16
N ALA B 219 18.56 -26.18 -12.17
CA ALA B 219 17.73 -25.05 -11.79
C ALA B 219 16.75 -24.70 -12.92
N ARG B 220 17.23 -24.78 -14.15
CA ARG B 220 16.43 -24.50 -15.33
C ARG B 220 15.23 -25.44 -15.41
N PHE B 221 15.45 -26.71 -15.09
CA PHE B 221 14.36 -27.67 -15.13
C PHE B 221 13.45 -27.58 -13.92
N LEU B 222 13.97 -27.13 -12.79
CA LEU B 222 13.13 -26.97 -11.60
C LEU B 222 12.13 -25.86 -11.88
N LEU B 223 12.57 -24.85 -12.63
CA LEU B 223 11.71 -23.72 -12.99
C LEU B 223 10.59 -24.16 -13.94
N ALA B 224 10.94 -24.98 -14.92
CA ALA B 224 9.94 -25.46 -15.87
C ALA B 224 8.91 -26.29 -15.12
N LYS B 225 9.37 -26.99 -14.08
CA LYS B 225 8.52 -27.84 -13.25
C LYS B 225 7.55 -26.95 -12.46
N ILE B 226 8.12 -25.99 -11.72
CA ILE B 226 7.37 -25.04 -10.92
C ILE B 226 6.31 -24.30 -11.74
N LYS B 227 6.75 -23.77 -12.89
CA LYS B 227 5.86 -23.00 -13.77
C LYS B 227 4.58 -23.72 -14.13
N ARG B 228 4.68 -25.00 -14.49
CA ARG B 228 3.48 -25.74 -14.86
C ARG B 228 2.73 -26.40 -13.73
N GLU B 229 3.42 -26.71 -12.64
CA GLU B 229 2.74 -27.35 -11.53
C GLU B 229 2.08 -26.36 -10.59
N TYR B 230 2.76 -25.27 -10.31
CA TYR B 230 2.24 -24.28 -9.39
C TYR B 230 1.74 -23.00 -10.04
N GLY B 231 2.26 -22.71 -11.22
CA GLY B 231 1.86 -21.51 -11.92
C GLY B 231 2.25 -20.26 -11.15
N THR B 232 1.30 -19.35 -10.99
CA THR B 232 1.53 -18.10 -10.28
C THR B 232 1.16 -18.18 -8.80
N LEU B 233 0.88 -19.38 -8.31
CA LEU B 233 0.52 -19.55 -6.90
C LEU B 233 1.70 -20.01 -6.03
N PRO B 234 1.79 -19.52 -4.80
CA PRO B 234 2.87 -19.90 -3.89
C PRO B 234 3.00 -21.41 -3.69
N PHE B 235 4.22 -21.87 -3.48
CA PHE B 235 4.46 -23.28 -3.24
C PHE B 235 5.46 -23.42 -2.10
N ALA B 236 5.44 -24.58 -1.47
CA ALA B 236 6.31 -24.85 -0.34
C ALA B 236 7.57 -25.63 -0.68
N TYR B 237 8.64 -25.34 0.03
CA TYR B 237 9.90 -26.04 -0.14
C TYR B 237 9.57 -27.52 0.10
N ARG B 238 8.68 -27.75 1.06
CA ARG B 238 8.23 -29.08 1.46
C ARG B 238 7.64 -29.90 0.31
N TRP B 239 6.92 -29.22 -0.58
CA TRP B 239 6.29 -29.88 -1.73
C TRP B 239 7.30 -30.44 -2.72
N LEU B 240 8.54 -29.99 -2.62
CA LEU B 240 9.57 -30.43 -3.55
C LEU B 240 10.64 -31.33 -2.96
N GLN B 241 10.64 -31.46 -1.63
CA GLN B 241 11.63 -32.27 -0.91
C GLN B 241 11.86 -33.70 -1.39
N ASN B 242 10.84 -34.32 -1.99
CA ASN B 242 11.04 -35.68 -2.46
C ASN B 242 11.38 -35.74 -3.94
N ASP B 243 11.54 -34.57 -4.57
CA ASP B 243 11.87 -34.52 -5.99
C ASP B 243 13.36 -34.64 -6.27
N MET B 244 14.18 -34.09 -5.38
CA MET B 244 15.63 -34.13 -5.51
C MET B 244 16.32 -34.01 -4.15
N PRO B 245 17.59 -34.41 -4.08
CA PRO B 245 18.36 -34.34 -2.83
C PRO B 245 18.23 -32.96 -2.18
N GLU B 246 18.06 -32.93 -0.86
CA GLU B 246 17.92 -31.66 -0.14
C GLU B 246 18.97 -30.67 -0.59
N GLY B 247 20.24 -31.07 -0.54
CA GLY B 247 21.31 -30.20 -0.95
C GLY B 247 21.14 -29.57 -2.31
N GLN B 248 20.90 -30.40 -3.32
CA GLN B 248 20.71 -29.91 -4.68
C GLN B 248 19.48 -29.00 -4.76
N LEU B 249 18.40 -29.40 -4.08
CA LEU B 249 17.18 -28.61 -4.09
C LEU B 249 17.43 -27.22 -3.54
N LYS B 250 18.13 -27.13 -2.42
CA LYS B 250 18.41 -25.83 -1.84
C LYS B 250 19.21 -24.94 -2.79
N LEU B 251 20.18 -25.51 -3.48
CA LEU B 251 20.98 -24.69 -4.39
C LEU B 251 20.22 -24.34 -5.68
N ALA B 252 19.33 -25.22 -6.14
CA ALA B 252 18.57 -24.93 -7.35
C ALA B 252 17.61 -23.77 -7.10
N LEU B 253 16.97 -23.76 -5.93
CA LEU B 253 16.05 -22.68 -5.59
C LEU B 253 16.82 -21.37 -5.48
N LYS B 254 17.98 -21.41 -4.83
CA LYS B 254 18.82 -20.23 -4.66
C LYS B 254 19.20 -19.62 -6.02
N THR B 255 19.54 -20.49 -6.98
CA THR B 255 19.90 -20.04 -8.33
C THR B 255 18.72 -19.30 -8.97
N LEU B 256 17.53 -19.89 -8.87
CA LEU B 256 16.33 -19.28 -9.45
C LEU B 256 16.03 -17.94 -8.77
N GLU B 257 16.35 -17.84 -7.49
CA GLU B 257 16.13 -16.60 -6.75
C GLU B 257 17.06 -15.51 -7.26
N LYS B 258 18.35 -15.81 -7.34
CA LYS B 258 19.30 -14.82 -7.81
C LYS B 258 19.05 -14.46 -9.27
N ALA B 259 18.52 -15.42 -10.02
CA ALA B 259 18.24 -15.17 -11.44
C ALA B 259 16.98 -14.32 -11.58
N GLY B 260 16.22 -14.21 -10.50
CA GLY B 260 15.00 -13.43 -10.52
C GLY B 260 13.85 -14.20 -11.15
N ALA B 261 14.03 -15.52 -11.30
CA ALA B 261 13.00 -16.37 -11.89
C ALA B 261 11.88 -16.62 -10.88
N ILE B 262 12.25 -16.75 -9.61
CA ILE B 262 11.26 -16.96 -8.56
C ILE B 262 11.59 -16.06 -7.37
N TYR B 263 10.60 -15.85 -6.51
CA TYR B 263 10.80 -15.02 -5.33
C TYR B 263 10.73 -15.90 -4.08
N GLY B 264 11.67 -15.69 -3.17
CA GLY B 264 11.66 -16.45 -1.92
C GLY B 264 10.88 -15.64 -0.90
N TYR B 265 10.05 -16.30 -0.11
CA TYR B 265 9.26 -15.63 0.92
C TYR B 265 9.62 -16.20 2.29
N PRO B 266 10.75 -15.75 2.84
CA PRO B 266 11.20 -16.22 4.15
C PRO B 266 10.27 -15.91 5.32
N VAL B 267 10.55 -16.54 6.44
CA VAL B 267 9.76 -16.37 7.65
C VAL B 267 9.71 -14.89 8.08
N LEU B 268 8.51 -14.43 8.40
CA LEU B 268 8.29 -13.06 8.82
C LEU B 268 8.08 -13.00 10.34
N LYS B 269 8.98 -12.35 11.06
CA LYS B 269 8.82 -12.23 12.49
C LYS B 269 8.75 -10.77 12.93
N GLU B 270 8.03 -10.53 14.01
CA GLU B 270 7.89 -9.17 14.51
C GLU B 270 9.30 -8.67 14.84
N ILE B 271 9.58 -7.41 14.51
CA ILE B 271 10.90 -6.81 14.71
C ILE B 271 11.43 -6.77 16.15
N ARG B 272 10.53 -6.67 17.11
CA ARG B 272 10.95 -6.62 18.51
C ARG B 272 10.55 -7.91 19.22
N ASN B 273 10.31 -8.93 18.40
CA ASN B 273 9.91 -10.26 18.87
C ASN B 273 8.58 -10.21 19.59
N GLY B 274 7.72 -9.28 19.20
CA GLY B 274 6.42 -9.17 19.84
C GLY B 274 5.45 -10.23 19.36
N ILE B 275 4.65 -10.78 20.27
CA ILE B 275 3.66 -11.80 19.93
C ILE B 275 2.74 -11.21 18.87
N VAL B 276 2.38 -12.00 17.87
CA VAL B 276 1.51 -11.56 16.79
C VAL B 276 0.21 -12.35 16.74
N ALA B 277 -0.91 -11.67 16.49
CA ALA B 277 -2.21 -12.33 16.37
C ALA B 277 -2.75 -11.95 15.00
N GLN B 278 -3.52 -12.84 14.39
CA GLN B 278 -4.08 -12.58 13.07
C GLN B 278 -5.43 -13.27 12.86
N PHE B 279 -6.30 -12.61 12.12
CA PHE B 279 -7.60 -13.17 11.76
C PHE B 279 -7.83 -12.66 10.34
N GLU B 280 -8.49 -13.49 9.54
CA GLU B 280 -8.71 -13.14 8.15
C GLU B 280 -9.90 -13.83 7.51
N HIS B 281 -10.57 -13.10 6.64
CA HIS B 281 -11.71 -13.60 5.88
C HIS B 281 -11.61 -13.06 4.47
N THR B 282 -12.19 -13.79 3.53
CA THR B 282 -12.22 -13.39 2.13
C THR B 282 -13.66 -12.97 1.91
N ILE B 283 -13.87 -11.82 1.29
CA ILE B 283 -15.21 -11.33 1.05
C ILE B 283 -15.41 -10.86 -0.39
N ILE B 284 -16.66 -10.90 -0.85
CA ILE B 284 -17.00 -10.43 -2.19
C ILE B 284 -17.73 -9.11 -1.94
N VAL B 285 -17.17 -8.01 -2.45
CA VAL B 285 -17.79 -6.71 -2.26
C VAL B 285 -19.13 -6.61 -2.97
N GLU B 286 -20.16 -6.16 -2.26
CA GLU B 286 -21.48 -6.02 -2.83
C GLU B 286 -22.18 -4.79 -2.26
N LYS B 287 -23.07 -4.20 -3.05
CA LYS B 287 -23.80 -3.01 -2.61
C LYS B 287 -24.35 -3.23 -1.21
N ASP B 288 -23.54 -2.88 -0.21
CA ASP B 288 -23.92 -3.04 1.18
C ASP B 288 -24.04 -4.53 1.48
N SER B 289 -23.73 -4.90 2.72
CA SER B 289 -23.81 -6.29 3.14
C SER B 289 -22.98 -7.19 2.23
N VAL B 290 -21.66 -7.04 2.30
CA VAL B 290 -20.73 -7.84 1.52
C VAL B 290 -20.85 -9.30 1.95
N ILE B 291 -20.52 -10.22 1.04
CA ILE B 291 -20.59 -11.65 1.35
C ILE B 291 -19.26 -12.16 1.90
N VAL B 292 -19.33 -12.89 3.01
CA VAL B 292 -18.11 -13.45 3.57
C VAL B 292 -18.02 -14.92 3.15
N THR B 293 -17.28 -15.17 2.07
CA THR B 293 -17.11 -16.51 1.51
C THR B 293 -16.67 -17.56 2.52
N GLN B 294 -15.93 -17.13 3.54
CA GLN B 294 -15.44 -18.04 4.56
C GLN B 294 -16.10 -17.85 5.92
N ASP B 295 -17.40 -17.57 5.90
CA ASP B 295 -18.17 -17.39 7.13
C ASP B 295 -19.12 -18.56 7.31
N MET B 296 -20.26 -18.51 6.60
CA MET B 296 -21.28 -19.55 6.67
C MET B 296 -21.88 -19.82 5.28
N ILE B 297 -21.21 -19.33 4.23
CA ILE B 297 -21.67 -19.49 2.85
C ILE B 297 -22.99 -18.75 2.63
N ASN B 298 -22.93 -17.66 1.87
CA ASN B 298 -24.12 -16.86 1.58
C ASN B 298 -24.02 -16.16 0.22
N LYS B 299 -24.02 -16.95 -0.85
CA LYS B 299 -23.94 -16.42 -2.20
C LYS B 299 -24.39 -17.48 -3.20
N SER B 300 -23.50 -18.43 -3.47
CA SER B 300 -23.80 -19.51 -4.42
C SER B 300 -22.74 -20.61 -4.31
N THR B 301 -23.01 -21.61 -3.48
CA THR B 301 -22.08 -22.74 -3.29
C THR B 301 -21.72 -23.41 -4.60
CO CO C . 3.64 15.48 -5.04
CO CO D . 2.82 12.60 -5.20
CO CO E . -1.47 14.29 -1.22
CO CO F . -4.31 -15.78 4.36
CO CO G . -4.31 -13.26 2.76
CO CO H . 1.61 -14.15 2.56
#